data_2VU8
#
_entry.id   2VU8
#
_cell.length_a   70.353
_cell.length_b   70.353
_cell.length_c   110.277
_cell.angle_alpha   90.00
_cell.angle_beta   90.00
_cell.angle_gamma   120.00
#
_symmetry.space_group_name_H-M   'P 31 2 1'
#
loop_
_entity.id
_entity.type
_entity.pdbx_description
1 polymer TRYPSIN
2 polymer 'PACIFASTIN-RELATED SERINE PROTEASE INHIBITOR'
3 water water
#
loop_
_entity_poly.entity_id
_entity_poly.type
_entity_poly.pdbx_seq_one_letter_code
_entity_poly.pdbx_strand_id
1 'polypeptide(L)'
;IVGGTSASAGDFPFIVSISRNGGPWCGGSLLNANTVLTAAHCVSGYAQSGFQIRAGSLSRTSGGITSSLSSVRVHPSYSG
NNNDLAILKLSTSIPSGGNIGYARLAASGSDPVAGSSATVAGWGATSEGGSSTPVNLLKVTVPIVSRATCRAQYGTSAIT
NQMFCAGVSSGGKDSCQGDSGGPIVDSSNTLIGAVSWGNGCARPNYSGVYASVGALRSFIDTYA
;
E
2 'polypeptide(L)' ECTPGQTKKQDCNTCTCTPTGIWGCTRKACRTT I
#
# COMPACT_ATOMS: atom_id res chain seq x y z
N ILE A 1 1.55 9.51 4.53
CA ILE A 1 2.56 9.08 5.53
C ILE A 1 2.54 10.01 6.75
N VAL A 2 2.43 9.39 7.93
CA VAL A 2 2.38 10.09 9.20
C VAL A 2 3.64 9.79 10.00
N GLY A 3 4.20 10.81 10.64
CA GLY A 3 5.43 10.67 11.41
C GLY A 3 6.72 10.47 10.61
N GLY A 4 6.66 10.62 9.29
CA GLY A 4 7.81 10.41 8.42
C GLY A 4 8.53 11.67 8.01
N THR A 5 9.35 11.55 6.96
CA THR A 5 10.11 12.65 6.38
C THR A 5 10.17 12.53 4.87
N SER A 6 10.55 13.63 4.21
CA SER A 6 10.81 13.64 2.78
C SER A 6 11.76 12.50 2.38
N ALA A 7 11.36 11.74 1.37
CA ALA A 7 12.20 10.70 0.79
C ALA A 7 13.25 11.32 -0.11
N SER A 8 14.35 10.61 -0.33
CA SER A 8 15.42 11.10 -1.18
C SER A 8 15.39 10.49 -2.57
N ALA A 9 15.92 11.23 -3.53
CA ALA A 9 16.05 10.72 -4.89
C ALA A 9 16.84 9.43 -4.81
N GLY A 10 16.24 8.33 -5.29
CA GLY A 10 16.92 7.05 -5.30
C GLY A 10 16.64 6.08 -4.14
N ASP A 11 15.89 6.49 -3.12
CA ASP A 11 15.60 5.60 -1.98
C ASP A 11 14.70 4.42 -2.35
N PHE A 12 13.81 4.66 -3.31
CA PHE A 12 12.88 3.66 -3.80
C PHE A 12 12.81 3.82 -5.31
N PRO A 13 13.81 3.32 -6.02
CA PRO A 13 13.88 3.46 -7.50
C PRO A 13 12.62 2.97 -8.23
N PHE A 14 11.93 2.01 -7.65
CA PHE A 14 10.78 1.33 -8.24
C PHE A 14 9.39 1.87 -7.85
N ILE A 15 9.31 2.81 -6.91
CA ILE A 15 8.00 3.33 -6.49
C ILE A 15 7.36 4.14 -7.60
N VAL A 16 6.06 3.91 -7.77
CA VAL A 16 5.26 4.69 -8.68
C VAL A 16 4.11 5.33 -7.92
N SER A 17 3.63 6.47 -8.44
CA SER A 17 2.35 7.02 -8.04
C SER A 17 1.34 6.62 -9.10
N ILE A 18 0.10 6.44 -8.65
CA ILE A 18 -1.04 6.03 -9.47
C ILE A 18 -2.18 7.03 -9.23
N SER A 19 -2.46 7.83 -10.25
CA SER A 19 -3.64 8.70 -10.27
C SER A 19 -4.87 7.98 -10.83
N ARG A 20 -6.05 8.45 -10.44
CA ARG A 20 -7.32 7.99 -11.01
C ARG A 20 -8.11 9.25 -11.37
N ASN A 21 -8.65 9.30 -12.60
CA ASN A 21 -9.36 10.46 -13.18
C ASN A 21 -8.66 11.81 -12.97
N GLY A 22 -7.32 11.79 -12.97
CA GLY A 22 -6.51 12.99 -12.86
C GLY A 22 -6.26 13.46 -11.43
N GLY A 23 -6.52 12.61 -10.46
CA GLY A 23 -6.30 12.93 -9.07
C GLY A 23 -5.47 11.86 -8.41
N PRO A 24 -4.89 12.17 -7.24
CA PRO A 24 -4.14 11.20 -6.46
C PRO A 24 -5.04 10.06 -6.00
N TRP A 25 -4.47 8.89 -5.70
CA TRP A 25 -5.28 7.71 -5.43
C TRP A 25 -4.52 6.58 -4.70
N CYS A 26 -3.44 6.09 -5.30
CA CYS A 26 -2.64 4.99 -4.74
C CYS A 26 -1.19 5.12 -5.12
N GLY A 27 -0.35 4.30 -4.50
CA GLY A 27 1.02 4.11 -4.94
C GLY A 27 1.19 2.68 -5.45
N GLY A 28 2.38 2.39 -5.95
CA GLY A 28 2.71 1.06 -6.44
C GLY A 28 4.21 0.75 -6.47
N SER A 29 4.55 -0.37 -7.11
CA SER A 29 5.93 -0.82 -7.22
C SER A 29 6.14 -1.41 -8.61
N LEU A 30 7.14 -0.91 -9.33
CA LEU A 30 7.50 -1.40 -10.64
C LEU A 30 8.30 -2.67 -10.46
N LEU A 31 7.80 -3.75 -11.04
CA LEU A 31 8.44 -5.06 -10.98
C LEU A 31 9.31 -5.35 -12.19
N ASN A 32 8.86 -4.81 -13.33
CA ASN A 32 9.57 -4.87 -14.61
C ASN A 32 9.00 -3.84 -15.58
N ALA A 33 9.51 -3.84 -16.81
CA ALA A 33 9.24 -2.78 -17.77
C ALA A 33 7.75 -2.48 -17.99
N ASN A 34 6.90 -3.49 -17.79
CA ASN A 34 5.47 -3.38 -18.03
C ASN A 34 4.59 -3.90 -16.87
N THR A 35 5.13 -4.00 -15.66
CA THR A 35 4.37 -4.52 -14.52
C THR A 35 4.48 -3.63 -13.27
N VAL A 36 3.32 -3.33 -12.69
CA VAL A 36 3.22 -2.62 -11.41
C VAL A 36 2.36 -3.47 -10.49
N LEU A 37 2.77 -3.54 -9.24
CA LEU A 37 2.09 -4.27 -8.19
C LEU A 37 1.52 -3.20 -7.28
N THR A 38 0.23 -3.30 -7.03
CA THR A 38 -0.45 -2.40 -6.10
C THR A 38 -1.48 -3.23 -5.32
N ALA A 39 -2.34 -2.56 -4.57
CA ALA A 39 -3.36 -3.20 -3.78
C ALA A 39 -4.55 -3.52 -4.66
N ALA A 40 -5.17 -4.68 -4.39
CA ALA A 40 -6.36 -5.07 -5.13
C ALA A 40 -7.45 -3.99 -5.06
N HIS A 41 -7.55 -3.30 -3.93
CA HIS A 41 -8.66 -2.36 -3.71
C HIS A 41 -8.49 -1.01 -4.42
N CYS A 42 -7.25 -0.76 -4.86
CA CYS A 42 -6.92 0.38 -5.70
C CYS A 42 -7.52 0.28 -7.09
N VAL A 43 -7.73 -0.94 -7.57
CA VAL A 43 -8.16 -1.15 -8.95
C VAL A 43 -9.43 -1.98 -9.14
N SER A 44 -9.84 -2.75 -8.12
CA SER A 44 -10.97 -3.67 -8.25
C SER A 44 -12.31 -2.93 -8.30
N GLY A 45 -13.17 -3.32 -9.25
CA GLY A 45 -14.44 -2.68 -9.45
C GLY A 45 -14.40 -1.39 -10.26
N TYR A 46 -13.20 -0.90 -10.61
CA TYR A 46 -13.04 0.37 -11.30
C TYR A 46 -12.66 0.20 -12.77
N ALA A 47 -12.84 1.27 -13.54
CA ALA A 47 -12.47 1.28 -14.95
C ALA A 47 -10.97 1.44 -15.10
N GLN A 48 -10.34 0.44 -15.72
CA GLN A 48 -8.88 0.45 -15.90
C GLN A 48 -8.40 1.71 -16.65
N SER A 49 -9.26 2.30 -17.47
CA SER A 49 -8.88 3.46 -18.28
C SER A 49 -8.66 4.75 -17.49
N GLY A 50 -9.15 4.81 -16.25
CA GLY A 50 -8.98 5.99 -15.42
C GLY A 50 -7.58 6.14 -14.82
N PHE A 51 -6.79 5.07 -14.88
CA PHE A 51 -5.51 5.01 -14.18
C PHE A 51 -4.28 5.38 -15.02
N GLN A 52 -3.53 6.35 -14.53
CA GLN A 52 -2.19 6.64 -15.00
C GLN A 52 -1.21 6.34 -13.86
N ILE A 53 -0.02 5.87 -14.23
CA ILE A 53 1.11 5.60 -13.33
C ILE A 53 2.24 6.55 -13.65
N ARG A 54 3.02 6.91 -12.64
CA ARG A 54 4.24 7.70 -12.81
C ARG A 54 5.39 7.02 -12.07
N ALA A 55 6.47 6.79 -12.80
CA ALA A 55 7.69 6.20 -12.27
C ALA A 55 8.81 7.22 -12.45
N GLY A 56 9.87 7.07 -11.65
CA GLY A 56 11.09 7.84 -11.82
C GLY A 56 11.05 9.24 -11.28
N SER A 57 10.04 9.53 -10.45
CA SER A 57 9.90 10.86 -9.86
C SER A 57 9.53 10.82 -8.38
N LEU A 58 10.14 11.69 -7.57
CA LEU A 58 9.68 11.92 -6.21
C LEU A 58 8.33 12.66 -6.20
N SER A 59 7.99 13.30 -7.31
CA SER A 59 6.74 14.07 -7.42
C SER A 59 5.63 13.22 -8.01
N ARG A 60 4.41 13.42 -7.54
CA ARG A 60 3.25 12.71 -8.07
C ARG A 60 2.59 13.47 -9.24
N THR A 61 3.02 14.72 -9.48
CA THR A 61 2.47 15.59 -10.53
C THR A 61 3.38 15.85 -11.74
N SER A 62 4.70 15.63 -11.59
CA SER A 62 5.65 15.91 -12.69
C SER A 62 6.90 15.03 -12.62
N GLY A 63 7.60 14.96 -13.75
CA GLY A 63 8.87 14.25 -13.83
C GLY A 63 8.69 12.78 -14.17
N GLY A 64 9.81 12.13 -14.44
CA GLY A 64 9.81 10.69 -14.64
C GLY A 64 9.16 10.27 -15.94
N ILE A 65 8.51 9.11 -15.89
CA ILE A 65 7.87 8.46 -17.02
C ILE A 65 6.47 8.03 -16.64
N THR A 66 5.52 8.22 -17.54
CA THR A 66 4.14 7.84 -17.23
C THR A 66 3.66 6.68 -18.09
N SER A 67 2.61 6.01 -17.64
CA SER A 67 1.95 4.98 -18.43
C SER A 67 0.49 4.81 -18.02
N SER A 68 -0.36 4.53 -19.00
CA SER A 68 -1.72 4.07 -18.74
C SER A 68 -1.69 2.56 -18.64
N LEU A 69 -2.83 1.95 -18.41
CA LEU A 69 -2.91 0.51 -18.20
C LEU A 69 -3.39 -0.25 -19.42
N SER A 70 -2.76 -1.38 -19.66
CA SER A 70 -3.17 -2.31 -20.71
C SER A 70 -4.17 -3.35 -20.15
N SER A 71 -3.87 -3.86 -18.96
CA SER A 71 -4.73 -4.82 -18.27
C SER A 71 -4.47 -4.82 -16.76
N VAL A 72 -5.41 -5.42 -16.03
CA VAL A 72 -5.34 -5.54 -14.56
C VAL A 72 -5.69 -6.96 -14.14
N ARG A 73 -4.88 -7.54 -13.26
CA ARG A 73 -5.14 -8.85 -12.69
C ARG A 73 -5.27 -8.75 -11.18
N VAL A 74 -6.50 -8.87 -10.69
CA VAL A 74 -6.73 -8.91 -9.25
C VAL A 74 -6.49 -10.34 -8.78
N HIS A 75 -5.87 -10.49 -7.62
CA HIS A 75 -5.77 -11.78 -6.97
C HIS A 75 -7.07 -12.56 -7.14
N PRO A 76 -6.98 -13.81 -7.61
CA PRO A 76 -8.15 -14.68 -7.79
C PRO A 76 -9.01 -14.89 -6.55
N SER A 77 -8.40 -14.72 -5.38
CA SER A 77 -9.02 -14.95 -4.10
C SER A 77 -9.08 -13.69 -3.25
N TYR A 78 -9.02 -12.52 -3.91
CA TYR A 78 -9.19 -11.26 -3.22
C TYR A 78 -10.59 -11.30 -2.62
N SER A 79 -10.64 -11.13 -1.32
CA SER A 79 -11.87 -11.26 -0.56
C SER A 79 -11.77 -10.36 0.67
N GLY A 80 -12.78 -9.53 0.86
CA GLY A 80 -12.77 -8.50 1.89
C GLY A 80 -11.49 -7.71 1.72
N ASN A 81 -10.67 -7.73 2.76
CA ASN A 81 -9.33 -7.14 2.78
C ASN A 81 -8.18 -8.13 2.52
N ASN A 82 -8.52 -9.41 2.44
CA ASN A 82 -7.54 -10.47 2.26
C ASN A 82 -7.11 -10.68 0.81
N ASN A 83 -5.85 -11.07 0.61
CA ASN A 83 -5.29 -11.27 -0.72
C ASN A 83 -5.37 -10.01 -1.56
N ASP A 84 -4.91 -8.92 -0.95
CA ASP A 84 -5.19 -7.56 -1.43
C ASP A 84 -4.03 -7.08 -2.30
N LEU A 85 -3.84 -7.76 -3.42
CA LEU A 85 -2.88 -7.36 -4.43
C LEU A 85 -3.49 -7.42 -5.82
N ALA A 86 -3.08 -6.50 -6.67
CA ALA A 86 -3.41 -6.51 -8.09
C ALA A 86 -2.15 -6.25 -8.92
N ILE A 87 -2.04 -6.93 -10.07
CA ILE A 87 -0.98 -6.73 -11.05
C ILE A 87 -1.53 -5.88 -12.20
N LEU A 88 -0.80 -4.83 -12.53
CA LEU A 88 -1.15 -3.89 -13.58
C LEU A 88 -0.14 -4.05 -14.70
N LYS A 89 -0.61 -4.45 -15.85
CA LYS A 89 0.21 -4.44 -17.05
C LYS A 89 0.15 -3.05 -17.66
N LEU A 90 1.31 -2.50 -18.01
CA LEU A 90 1.44 -1.13 -18.50
C LEU A 90 1.40 -1.04 -20.02
N SER A 91 0.77 0.03 -20.51
CA SER A 91 0.70 0.32 -21.94
C SER A 91 2.01 0.86 -22.49
N THR A 92 2.80 1.47 -21.63
CA THR A 92 4.12 2.00 -21.99
C THR A 92 5.15 1.28 -21.13
N SER A 93 6.10 0.63 -21.81
CA SER A 93 7.19 -0.04 -21.16
C SER A 93 8.21 0.97 -20.62
N ILE A 94 8.51 0.83 -19.33
CA ILE A 94 9.38 1.74 -18.61
C ILE A 94 10.69 1.01 -18.32
N PRO A 95 11.73 1.28 -19.12
CA PRO A 95 13.02 0.66 -18.91
C PRO A 95 13.64 1.09 -17.58
N SER A 96 14.42 0.18 -17.02
CA SER A 96 15.28 0.48 -15.89
C SER A 96 16.45 1.33 -16.35
N GLY A 97 17.08 2.01 -15.40
CA GLY A 97 18.15 2.93 -15.71
C GLY A 97 17.84 4.32 -15.19
N GLY A 98 18.89 5.08 -14.92
CA GLY A 98 18.74 6.41 -14.35
C GLY A 98 18.07 6.31 -12.99
N ASN A 99 16.98 7.04 -12.81
CA ASN A 99 16.31 7.06 -11.51
C ASN A 99 15.29 5.93 -11.26
N ILE A 100 15.05 5.07 -12.25
CA ILE A 100 14.09 3.97 -12.08
C ILE A 100 14.80 2.62 -12.08
N GLY A 101 14.32 1.73 -11.20
CA GLY A 101 14.71 0.34 -11.19
C GLY A 101 13.51 -0.52 -10.82
N TYR A 102 13.71 -1.83 -10.78
CA TYR A 102 12.64 -2.77 -10.54
C TYR A 102 12.75 -3.37 -9.12
N ALA A 103 11.62 -3.71 -8.51
CA ALA A 103 11.62 -4.23 -7.14
C ALA A 103 12.04 -5.70 -7.09
N ARG A 104 13.00 -6.01 -6.22
CA ARG A 104 13.24 -7.40 -5.82
C ARG A 104 12.20 -7.74 -4.77
N LEU A 105 11.82 -9.00 -4.70
CA LEU A 105 10.66 -9.42 -3.90
C LEU A 105 11.04 -10.29 -2.71
N ALA A 106 10.31 -10.13 -1.60
CA ALA A 106 10.45 -10.99 -0.44
C ALA A 106 10.29 -12.47 -0.85
N ALA A 107 11.10 -13.33 -0.25
CA ALA A 107 11.13 -14.76 -0.56
C ALA A 107 9.75 -15.42 -0.39
N SER A 108 9.45 -16.38 -1.25
CA SER A 108 8.19 -17.12 -1.19
C SER A 108 7.99 -17.81 0.18
N GLY A 109 6.92 -17.43 0.86
CA GLY A 109 6.57 -18.03 2.13
C GLY A 109 7.26 -17.41 3.32
N SER A 110 8.07 -16.38 3.08
CA SER A 110 8.65 -15.58 4.14
C SER A 110 7.57 -14.77 4.86
N ASP A 111 7.90 -14.33 6.06
CA ASP A 111 7.00 -13.53 6.89
C ASP A 111 7.85 -12.53 7.72
N PRO A 112 7.53 -11.23 7.63
CA PRO A 112 8.28 -10.24 8.39
C PRO A 112 8.34 -10.53 9.89
N VAL A 113 9.55 -10.60 10.42
CA VAL A 113 9.80 -10.93 11.82
C VAL A 113 9.45 -9.76 12.73
N ALA A 114 8.66 -10.05 13.76
CA ALA A 114 8.25 -9.03 14.69
C ALA A 114 9.48 -8.31 15.22
N GLY A 115 9.38 -7.00 15.31
CA GLY A 115 10.45 -6.16 15.85
C GLY A 115 11.45 -5.70 14.83
N SER A 116 11.53 -6.40 13.70
CA SER A 116 12.45 -6.04 12.62
C SER A 116 11.98 -4.74 11.99
N SER A 117 12.87 -4.04 11.30
CA SER A 117 12.56 -2.73 10.73
C SER A 117 12.06 -2.80 9.30
N ALA A 118 11.17 -1.86 8.97
CA ALA A 118 10.59 -1.75 7.66
C ALA A 118 10.29 -0.28 7.38
N THR A 119 10.34 0.11 6.12
CA THR A 119 10.13 1.48 5.72
C THR A 119 9.04 1.51 4.66
N VAL A 120 8.03 2.36 4.88
CA VAL A 120 6.95 2.58 3.93
C VAL A 120 7.00 4.01 3.39
N ALA A 121 6.51 4.18 2.18
CA ALA A 121 6.59 5.44 1.48
C ALA A 121 5.31 5.68 0.69
N GLY A 122 5.06 6.95 0.41
CA GLY A 122 3.89 7.35 -0.36
C GLY A 122 3.58 8.83 -0.27
N TRP A 123 2.52 9.19 -1.00
CA TRP A 123 2.02 10.56 -1.13
C TRP A 123 0.72 10.76 -0.37
N GLY A 124 0.47 9.94 0.64
CA GLY A 124 -0.78 10.03 1.36
C GLY A 124 -0.80 11.15 2.38
N ALA A 125 -1.90 11.29 3.10
CA ALA A 125 -2.02 12.31 4.13
C ALA A 125 -0.99 12.11 5.24
N THR A 126 -0.59 13.22 5.84
CA THR A 126 0.43 13.28 6.89
C THR A 126 -0.15 13.21 8.30
N SER A 127 -1.47 13.21 8.36
CA SER A 127 -2.19 13.09 9.61
C SER A 127 -3.44 12.27 9.36
N GLU A 128 -3.94 11.60 10.40
CA GLU A 128 -5.21 10.90 10.25
C GLU A 128 -6.30 11.90 9.93
N GLY A 129 -6.96 11.72 8.79
CA GLY A 129 -8.06 12.57 8.37
C GLY A 129 -7.63 13.89 7.75
N GLY A 130 -6.34 14.04 7.49
CA GLY A 130 -5.78 15.31 7.07
C GLY A 130 -6.14 15.67 5.64
N SER A 131 -6.32 16.98 5.40
CA SER A 131 -6.64 17.49 4.07
C SER A 131 -5.38 17.65 3.18
N SER A 132 -4.23 17.34 3.79
CA SER A 132 -2.92 17.30 3.13
C SER A 132 -2.76 16.23 2.04
N THR A 133 -2.15 16.62 0.92
CA THR A 133 -1.70 15.71 -0.13
C THR A 133 -0.30 16.16 -0.59
N PRO A 134 0.77 15.56 -0.08
CA PRO A 134 2.12 15.94 -0.50
C PRO A 134 2.38 15.79 -1.99
N VAL A 135 3.16 16.71 -2.53
CA VAL A 135 3.60 16.63 -3.92
C VAL A 135 4.80 15.69 -4.02
N ASN A 136 5.73 15.85 -3.10
CA ASN A 136 6.96 15.09 -3.09
C ASN A 136 6.82 13.93 -2.13
N LEU A 137 7.46 12.81 -2.46
CA LEU A 137 7.27 11.56 -1.74
C LEU A 137 7.74 11.67 -0.30
N LEU A 138 7.03 10.95 0.58
CA LEU A 138 7.35 10.88 1.99
C LEU A 138 7.65 9.45 2.38
N LYS A 139 8.33 9.26 3.50
CA LYS A 139 8.71 7.92 3.98
C LYS A 139 8.79 7.87 5.50
N VAL A 140 8.44 6.72 6.07
CA VAL A 140 8.61 6.47 7.49
C VAL A 140 9.10 5.04 7.74
N THR A 141 9.92 4.90 8.78
CA THR A 141 10.40 3.60 9.21
C THR A 141 9.65 3.23 10.47
N VAL A 142 9.18 1.99 10.49
CA VAL A 142 8.37 1.45 11.56
C VAL A 142 8.78 0.03 11.84
N PRO A 143 8.57 -0.46 13.06
CA PRO A 143 8.79 -1.87 13.34
C PRO A 143 7.63 -2.77 12.90
N ILE A 144 7.94 -4.00 12.49
CA ILE A 144 6.93 -5.01 12.24
C ILE A 144 6.30 -5.34 13.59
N VAL A 145 4.98 -5.51 13.58
CA VAL A 145 4.21 -5.93 14.74
C VAL A 145 3.78 -7.38 14.50
N SER A 146 4.03 -8.25 15.47
CA SER A 146 3.74 -9.68 15.30
C SER A 146 2.28 -9.85 15.01
N ARG A 147 1.96 -10.86 14.22
CA ARG A 147 0.59 -11.12 13.85
C ARG A 147 -0.29 -11.36 15.07
N ALA A 148 0.26 -12.03 16.11
CA ALA A 148 -0.48 -12.29 17.36
C ALA A 148 -0.96 -11.01 18.04
N THR A 149 -0.09 -10.01 18.04
CA THR A 149 -0.44 -8.69 18.54
C THR A 149 -1.47 -7.96 17.69
N CYS A 150 -1.28 -7.96 16.38
CA CYS A 150 -2.20 -7.36 15.45
C CYS A 150 -3.59 -8.01 15.56
N ARG A 151 -3.62 -9.32 15.76
CA ARG A 151 -4.87 -10.05 15.94
C ARG A 151 -5.55 -9.61 17.22
N ALA A 152 -4.77 -9.22 18.22
CA ALA A 152 -5.32 -8.70 19.47
C ALA A 152 -5.93 -7.32 19.27
N GLN A 153 -5.35 -6.50 18.40
CA GLN A 153 -5.85 -5.15 18.15
C GLN A 153 -7.12 -5.17 17.31
N TYR A 154 -7.15 -6.06 16.32
CA TYR A 154 -8.19 -6.03 15.30
C TYR A 154 -9.19 -7.18 15.37
N GLY A 155 -8.74 -8.32 15.88
CA GLY A 155 -9.52 -9.53 15.87
C GLY A 155 -8.82 -10.61 15.06
N THR A 156 -8.95 -11.84 15.55
CA THR A 156 -8.31 -13.01 14.95
C THR A 156 -8.66 -13.16 13.46
N SER A 157 -9.94 -13.11 13.11
CA SER A 157 -10.33 -13.26 11.70
C SER A 157 -10.01 -12.06 10.78
N ALA A 158 -9.73 -10.89 11.37
CA ALA A 158 -9.47 -9.67 10.60
C ALA A 158 -8.08 -9.68 9.99
N ILE A 159 -7.16 -10.37 10.67
CA ILE A 159 -5.76 -10.44 10.29
C ILE A 159 -5.46 -11.88 9.90
N THR A 160 -5.10 -12.09 8.63
CA THR A 160 -4.83 -13.41 8.10
C THR A 160 -3.32 -13.60 7.91
N ASN A 161 -2.94 -14.81 7.50
CA ASN A 161 -1.55 -15.10 7.16
C ASN A 161 -1.09 -14.46 5.84
N GLN A 162 -2.00 -13.80 5.10
CA GLN A 162 -1.64 -13.03 3.90
C GLN A 162 -1.53 -11.54 4.20
N MET A 163 -1.57 -11.22 5.48
CA MET A 163 -1.36 -9.87 5.97
C MET A 163 -0.25 -9.84 7.01
N PHE A 164 0.43 -8.71 7.12
CA PHE A 164 1.32 -8.45 8.25
C PHE A 164 1.19 -6.97 8.62
N CYS A 165 1.62 -6.63 9.83
CA CYS A 165 1.38 -5.32 10.40
C CYS A 165 2.68 -4.64 10.81
N ALA A 166 2.58 -3.33 10.99
CA ALA A 166 3.69 -2.46 11.32
C ALA A 166 3.19 -1.18 11.95
N GLY A 167 3.97 -0.66 12.89
CA GLY A 167 3.57 0.44 13.73
C GLY A 167 4.33 0.42 15.04
N VAL A 168 4.15 1.47 15.82
CA VAL A 168 4.77 1.62 17.13
C VAL A 168 3.67 1.60 18.19
N SER A 169 3.86 0.83 19.26
CA SER A 169 2.91 0.76 20.37
C SER A 169 2.13 2.06 20.61
N SER A 170 2.85 3.15 20.85
CA SER A 170 2.26 4.44 21.24
C SER A 170 1.85 5.36 20.07
N GLY A 171 1.74 4.78 18.88
CA GLY A 171 1.38 5.50 17.67
C GLY A 171 2.49 6.38 17.13
N GLY A 172 2.12 7.26 16.19
CA GLY A 172 3.01 8.31 15.71
C GLY A 172 3.59 8.12 14.32
N LYS A 173 3.65 6.89 13.84
CA LYS A 173 4.26 6.56 12.54
C LYS A 173 3.42 5.50 11.84
N ASP A 174 3.01 5.81 10.62
CA ASP A 174 2.13 4.93 9.85
C ASP A 174 2.03 5.40 8.39
N SER A 175 1.57 4.49 7.52
CA SER A 175 0.95 4.90 6.28
C SER A 175 -0.47 5.37 6.58
N CYS A 176 -1.11 5.99 5.58
CA CYS A 176 -2.41 6.65 5.75
C CYS A 176 -3.15 6.74 4.43
N GLN A 177 -4.34 7.35 4.43
CA GLN A 177 -5.11 7.48 3.19
C GLN A 177 -4.32 8.18 2.07
N GLY A 178 -4.26 7.51 0.92
CA GLY A 178 -3.40 7.90 -0.20
C GLY A 178 -2.11 7.12 -0.39
N ASP A 179 -1.76 6.26 0.56
CA ASP A 179 -0.54 5.45 0.45
C ASP A 179 -0.82 4.03 -0.03
N SER A 180 -2.11 3.68 -0.16
CA SER A 180 -2.55 2.35 -0.56
C SER A 180 -1.78 1.86 -1.78
N GLY A 181 -1.34 0.61 -1.76
CA GLY A 181 -0.70 -0.01 -2.90
C GLY A 181 0.80 0.19 -2.92
N GLY A 182 1.24 1.22 -2.22
CA GLY A 182 2.62 1.62 -2.15
C GLY A 182 3.49 0.66 -1.36
N PRO A 183 4.78 0.69 -1.65
CA PRO A 183 5.72 -0.24 -1.05
C PRO A 183 6.07 0.01 0.43
N ILE A 184 6.19 -1.10 1.14
CA ILE A 184 6.88 -1.15 2.43
C ILE A 184 8.01 -2.17 2.24
N VAL A 185 9.21 -1.82 2.70
CA VAL A 185 10.42 -2.60 2.38
C VAL A 185 11.26 -2.87 3.61
N ASP A 186 12.12 -3.88 3.51
CA ASP A 186 13.11 -4.14 4.55
C ASP A 186 14.36 -3.29 4.32
N SER A 187 15.42 -3.52 5.09
CA SER A 187 16.62 -2.68 4.98
C SER A 187 17.54 -3.06 3.81
N SER A 188 17.22 -4.14 3.09
CA SER A 188 17.79 -4.45 1.78
C SER A 188 16.96 -3.83 0.66
N ASN A 189 15.95 -3.04 1.03
CA ASN A 189 14.98 -2.52 0.05
C ASN A 189 14.17 -3.59 -0.67
N THR A 190 14.13 -4.80 -0.11
CA THR A 190 13.27 -5.86 -0.62
C THR A 190 11.83 -5.48 -0.36
N LEU A 191 10.99 -5.67 -1.37
CA LEU A 191 9.58 -5.42 -1.22
C LEU A 191 8.91 -6.55 -0.45
N ILE A 192 8.51 -6.23 0.77
CA ILE A 192 7.83 -7.17 1.68
C ILE A 192 6.32 -6.96 1.76
N GLY A 193 5.83 -5.81 1.29
CA GLY A 193 4.40 -5.56 1.31
C GLY A 193 3.90 -4.33 0.57
N ALA A 194 2.58 -4.23 0.55
CA ALA A 194 1.90 -3.06 0.04
C ALA A 194 0.90 -2.56 1.07
N VAL A 195 0.85 -1.25 1.21
CA VAL A 195 -0.14 -0.59 2.06
C VAL A 195 -1.55 -1.01 1.68
N SER A 196 -2.37 -1.28 2.71
CA SER A 196 -3.69 -1.89 2.52
C SER A 196 -4.76 -1.19 3.37
N TRP A 197 -4.75 -1.42 4.69
CA TRP A 197 -5.81 -0.92 5.57
C TRP A 197 -5.38 -0.68 7.05
N GLY A 198 -6.30 -0.15 7.85
CA GLY A 198 -6.01 0.12 9.26
C GLY A 198 -7.15 0.82 10.00
N ASN A 199 -7.04 0.91 11.32
CA ASN A 199 -7.97 1.72 12.12
C ASN A 199 -7.39 3.13 12.22
N GLY A 200 -7.88 4.04 11.38
CA GLY A 200 -7.35 5.37 11.35
C GLY A 200 -5.95 5.35 10.80
N CYS A 201 -5.08 6.21 11.33
CA CYS A 201 -3.67 6.26 10.94
C CYS A 201 -2.81 6.61 12.13
N ALA A 202 -1.81 5.77 12.40
CA ALA A 202 -0.79 6.04 13.42
C ALA A 202 -1.33 6.07 14.85
N ARG A 203 -2.51 5.48 15.05
CA ARG A 203 -3.15 5.43 16.35
C ARG A 203 -2.35 4.53 17.28
N PRO A 204 -2.32 4.84 18.58
CA PRO A 204 -1.73 3.89 19.54
C PRO A 204 -2.55 2.59 19.56
N ASN A 205 -1.82 1.47 19.55
CA ASN A 205 -2.38 0.13 19.62
C ASN A 205 -3.24 -0.28 18.44
N TYR A 206 -3.04 0.38 17.30
CA TYR A 206 -3.71 0.02 16.06
C TYR A 206 -2.73 0.11 14.91
N SER A 207 -2.17 -1.04 14.56
CA SER A 207 -1.14 -1.16 13.53
C SER A 207 -1.66 -0.87 12.16
N GLY A 208 -0.75 -0.44 11.28
CA GLY A 208 -1.01 -0.47 9.85
C GLY A 208 -1.00 -1.90 9.36
N VAL A 209 -1.95 -2.24 8.49
CA VAL A 209 -2.06 -3.59 7.93
C VAL A 209 -1.61 -3.64 6.46
N TYR A 210 -0.78 -4.64 6.14
CA TYR A 210 -0.15 -4.76 4.83
C TYR A 210 -0.43 -6.11 4.17
N ALA A 211 -0.66 -6.09 2.86
CA ALA A 211 -0.71 -7.31 2.08
C ALA A 211 0.71 -7.84 2.00
N SER A 212 0.87 -9.14 2.19
CA SER A 212 2.19 -9.72 2.41
C SER A 212 2.75 -10.29 1.10
N VAL A 213 3.85 -9.71 0.63
CA VAL A 213 4.51 -10.18 -0.56
C VAL A 213 4.99 -11.64 -0.41
N GLY A 214 5.65 -11.96 0.71
CA GLY A 214 6.08 -13.32 0.98
C GLY A 214 4.95 -14.32 0.88
N ALA A 215 3.86 -14.03 1.59
CA ALA A 215 2.66 -14.87 1.61
C ALA A 215 1.91 -14.96 0.29
N LEU A 216 2.20 -14.03 -0.63
CA LEU A 216 1.48 -13.93 -1.89
C LEU A 216 2.41 -13.99 -3.10
N ARG A 217 3.64 -14.46 -2.85
CA ARG A 217 4.68 -14.53 -3.87
C ARG A 217 4.25 -15.31 -5.12
N SER A 218 3.49 -16.38 -4.93
CA SER A 218 2.98 -17.23 -6.02
C SER A 218 2.16 -16.42 -7.03
N PHE A 219 1.21 -15.66 -6.52
CA PHE A 219 0.35 -14.78 -7.34
C PHE A 219 1.22 -13.85 -8.19
N ILE A 220 2.20 -13.23 -7.55
CA ILE A 220 3.01 -12.21 -8.21
C ILE A 220 3.82 -12.79 -9.35
N ASP A 221 4.56 -13.87 -9.09
CA ASP A 221 5.42 -14.50 -10.10
C ASP A 221 4.65 -14.95 -11.33
N THR A 222 3.40 -15.36 -11.12
CA THR A 222 2.56 -15.90 -12.17
C THR A 222 2.13 -14.85 -13.18
N TYR A 223 1.76 -13.66 -12.68
CA TYR A 223 1.19 -12.62 -13.51
C TYR A 223 2.17 -11.49 -13.86
N ALA A 224 3.36 -11.50 -13.28
CA ALA A 224 4.39 -10.50 -13.59
C ALA A 224 4.99 -10.77 -14.96
N GLU B 1 -16.44 2.77 17.82
CA GLU B 1 -17.35 1.73 18.36
C GLU B 1 -18.43 1.36 17.34
N CYS B 2 -18.38 0.13 16.85
CA CYS B 2 -19.31 -0.39 15.85
C CYS B 2 -19.63 -1.85 16.14
N THR B 3 -20.70 -2.35 15.52
CA THR B 3 -21.08 -3.75 15.68
C THR B 3 -20.29 -4.56 14.68
N PRO B 4 -19.49 -5.53 15.16
CA PRO B 4 -18.64 -6.35 14.27
C PRO B 4 -19.37 -6.94 13.07
N GLY B 5 -18.77 -6.82 11.89
CA GLY B 5 -19.34 -7.35 10.67
C GLY B 5 -20.06 -6.29 9.84
N GLN B 6 -20.43 -5.17 10.46
CA GLN B 6 -21.03 -4.07 9.70
C GLN B 6 -20.04 -3.49 8.69
N THR B 7 -20.57 -2.85 7.65
CA THR B 7 -19.77 -2.17 6.64
C THR B 7 -20.24 -0.72 6.43
N LYS B 8 -19.30 0.13 6.01
CA LYS B 8 -19.59 1.50 5.60
C LYS B 8 -18.53 1.99 4.62
N LYS B 9 -18.76 3.18 4.09
CA LYS B 9 -17.80 3.84 3.23
C LYS B 9 -17.45 5.16 3.90
N GLN B 10 -16.17 5.50 3.97
CA GLN B 10 -15.77 6.89 4.20
C GLN B 10 -15.17 7.41 2.90
N ASP B 11 -15.97 8.22 2.21
CA ASP B 11 -15.66 8.68 0.86
C ASP B 11 -15.50 7.48 -0.08
N CYS B 12 -14.33 7.27 -0.68
CA CYS B 12 -14.11 6.15 -1.61
C CYS B 12 -13.55 4.86 -0.97
N ASN B 13 -13.23 4.90 0.32
CA ASN B 13 -12.69 3.74 1.03
C ASN B 13 -13.76 2.93 1.74
N THR B 14 -13.70 1.61 1.58
CA THR B 14 -14.59 0.70 2.28
C THR B 14 -14.02 0.47 3.68
N CYS B 15 -14.90 0.51 4.67
CA CYS B 15 -14.55 0.22 6.04
C CYS B 15 -15.30 -1.02 6.50
N THR B 16 -14.62 -1.85 7.27
CA THR B 16 -15.21 -3.04 7.87
C THR B 16 -15.13 -2.98 9.39
N CYS B 17 -16.22 -3.32 10.08
CA CYS B 17 -16.22 -3.44 11.52
C CYS B 17 -15.63 -4.79 11.94
N THR B 18 -14.44 -4.73 12.51
CA THR B 18 -13.70 -5.92 12.90
C THR B 18 -14.25 -6.49 14.22
N PRO B 19 -13.83 -7.70 14.58
CA PRO B 19 -14.28 -8.33 15.85
C PRO B 19 -14.05 -7.51 17.11
N THR B 20 -13.04 -6.65 17.11
CA THR B 20 -12.71 -5.81 18.27
C THR B 20 -13.51 -4.48 18.29
N GLY B 21 -14.54 -4.38 17.45
CA GLY B 21 -15.47 -3.28 17.52
C GLY B 21 -14.97 -1.95 17.00
N ILE B 22 -14.02 -1.97 16.07
CA ILE B 22 -13.50 -0.75 15.45
C ILE B 22 -13.53 -0.88 13.94
N TRP B 23 -13.44 0.25 13.25
CA TRP B 23 -13.45 0.30 11.79
C TRP B 23 -12.05 0.15 11.18
N GLY B 24 -11.86 -0.89 10.38
CA GLY B 24 -10.71 -1.00 9.51
C GLY B 24 -11.05 -0.48 8.12
N CYS B 25 -10.30 0.52 7.66
CA CYS B 25 -10.59 1.17 6.40
C CYS B 25 -9.38 1.12 5.47
N THR B 26 -9.65 0.98 4.17
CA THR B 26 -8.60 1.06 3.16
C THR B 26 -8.03 2.47 3.06
N ARG B 27 -6.91 2.61 2.36
CA ARG B 27 -6.07 3.82 2.41
C ARG B 27 -5.86 4.45 1.04
N LYS B 28 -6.91 4.46 0.23
CA LYS B 28 -6.93 5.24 -1.02
C LYS B 28 -7.07 6.74 -0.70
N ALA B 29 -6.52 7.56 -1.58
CA ALA B 29 -6.79 9.00 -1.61
C ALA B 29 -8.01 9.22 -2.48
N CYS B 30 -9.05 9.77 -1.88
CA CYS B 30 -10.31 9.96 -2.58
C CYS B 30 -10.33 11.35 -3.23
N ARG B 31 -10.50 11.38 -4.56
CA ARG B 31 -10.37 12.63 -5.31
C ARG B 31 -11.65 13.43 -5.25
N THR B 32 -12.61 13.14 -6.13
CA THR B 32 -13.72 14.05 -6.34
C THR B 32 -14.50 14.24 -5.04
N THR B 33 -14.24 15.37 -4.40
CA THR B 33 -14.95 15.77 -3.21
C THR B 33 -15.54 17.13 -3.49
#